data_5A3W
#
_entry.id   5A3W
#
_cell.length_a   142.102
_cell.length_b   142.102
_cell.length_c   152.256
_cell.angle_alpha   90.00
_cell.angle_beta   90.00
_cell.angle_gamma   120.00
#
_symmetry.space_group_name_H-M   'P 65 2 2'
#
loop_
_entity.id
_entity.type
_entity.pdbx_description
1 polymer 'LYSINE-SPECIFIC DEMETHYLASE 5B'
2 non-polymer 'ZINC ION'
3 non-polymer 'SODIUM ION'
4 non-polymer 'PYRIDINE-2,4-DICARBOXYLIC ACID'
5 non-polymer 'MANGANESE (II) ION'
6 non-polymer 'PHOSPHATE ION'
7 non-polymer '4-(2-HYDROXYETHYL)-1-PIPERAZINE ETHANESULFONIC ACID'
8 non-polymer 1,2-ETHANEDIOL
9 water water
#
_entity_poly.entity_id   1
_entity_poly.type   'polypeptide(L)'
_entity_poly.pdbx_seq_one_letter_code
;SMFLPPPECPVFEPSWEEFADPFAFIHKIRPIAEQTGICKVRPPPDWQPPFACDVDKLHFTPRIQRLNELEAQTRVKLGG
GGARDYTLRTFGEMADAFKSDYFNMPVHMVPTELVEKEFWRLVSTIEEDVTVEYGADIASKEFGSGFPVRDGKIKLSPEE
EEYLDSGWNLNNMPVMEQSVLAHITADICGMKLPWLYVGMCFSSFCWHIEDHWSYSINYLHWGEPKTWYGVPGYAAEQLE
NVMKKLAPELFVSQPDLLHQLVTIMNPNTLMTHEVPVYRTNQCAGEFVITFPRAYHSGFNQGFNFAEAVNFCTVDWLPLG
RQCVEHYRLLHRYCVFSHDEMICKMASKADVLDVVVASTVQKDMAIMIEDEKALRETVRKLGVIDSERMDFELLPDDERQ
CVKCKTTCFMSAISCSCKPGLLVCLHHVKELCSCPPYKYKLRYRYTLDDLYPMMNALKLRAESYNEWALNVNEALEAKIN
K
;
_entity_poly.pdbx_strand_id   A
#
# COMPACT_ATOMS: atom_id res chain seq x y z
N SER A 1 24.33 5.41 22.10
CA SER A 1 24.39 6.82 22.41
C SER A 1 24.23 7.65 21.15
N MET A 2 24.82 7.20 20.06
CA MET A 2 24.56 7.88 18.81
C MET A 2 23.35 7.24 18.11
N PHE A 3 23.35 5.93 17.88
CA PHE A 3 22.12 5.26 17.43
C PHE A 3 21.76 4.11 18.36
N LEU A 4 20.56 4.16 18.93
CA LEU A 4 20.10 3.05 19.75
C LEU A 4 19.08 2.25 18.97
N PRO A 5 19.45 1.04 18.52
CA PRO A 5 18.52 0.28 17.68
C PRO A 5 17.17 0.02 18.35
N PRO A 6 16.08 0.21 17.60
CA PRO A 6 14.77 -0.13 18.15
C PRO A 6 14.71 -1.60 18.51
N PRO A 7 13.77 -1.98 19.38
CA PRO A 7 13.56 -3.40 19.69
C PRO A 7 13.17 -4.19 18.45
N GLU A 8 13.50 -5.48 18.43
CA GLU A 8 13.19 -6.33 17.28
C GLU A 8 11.68 -6.58 17.14
N CYS A 9 11.20 -6.62 15.90
CA CYS A 9 9.79 -6.97 15.65
C CYS A 9 9.62 -8.48 15.81
N PRO A 10 8.35 -8.96 15.87
CA PRO A 10 8.10 -10.41 15.95
C PRO A 10 8.61 -11.16 14.73
N VAL A 11 9.16 -12.36 14.98
CA VAL A 11 9.56 -13.28 13.91
C VAL A 11 8.80 -14.59 14.04
N PHE A 12 8.16 -15.02 12.97
CA PHE A 12 7.38 -16.25 12.99
C PHE A 12 8.04 -17.29 12.10
N GLU A 13 8.00 -18.54 12.56
CA GLU A 13 8.50 -19.66 11.78
C GLU A 13 7.39 -20.70 11.67
N PRO A 14 6.44 -20.47 10.77
CA PRO A 14 5.27 -21.35 10.67
C PRO A 14 5.64 -22.79 10.25
N SER A 15 4.94 -23.76 10.82
CA SER A 15 5.03 -25.14 10.38
C SER A 15 4.48 -25.23 8.98
N TRP A 16 4.63 -26.38 8.33
CA TRP A 16 4.09 -26.47 6.99
C TRP A 16 2.57 -26.45 7.02
N GLU A 17 1.98 -26.95 8.11
CA GLU A 17 0.54 -26.91 8.26
C GLU A 17 0.09 -25.44 8.28
N GLU A 18 0.74 -24.65 9.14
CA GLU A 18 0.44 -23.23 9.30
C GLU A 18 0.69 -22.44 8.02
N PHE A 19 1.77 -22.80 7.32
CA PHE A 19 2.20 -22.10 6.12
C PHE A 19 1.29 -22.32 4.93
N ALA A 20 0.54 -23.43 4.94
CA ALA A 20 -0.28 -23.84 3.79
C ALA A 20 -1.24 -22.75 3.32
N ASP A 21 -1.75 -21.96 4.26
CA ASP A 21 -2.68 -20.88 3.89
C ASP A 21 -2.24 -19.54 4.47
N PRO A 22 -1.70 -18.67 3.61
CA PRO A 22 -1.19 -17.36 4.02
C PRO A 22 -2.23 -16.51 4.75
N PHE A 23 -3.48 -16.53 4.29
CA PHE A 23 -4.49 -15.68 4.93
C PHE A 23 -4.90 -16.18 6.30
N ALA A 24 -4.99 -17.51 6.45
CA ALA A 24 -5.23 -18.08 7.77
C ALA A 24 -4.08 -17.75 8.72
N PHE A 25 -2.85 -17.92 8.24
CA PHE A 25 -1.68 -17.61 9.06
C PHE A 25 -1.64 -16.14 9.47
N ILE A 26 -1.86 -15.25 8.50
CA ILE A 26 -1.83 -13.81 8.78
C ILE A 26 -2.91 -13.41 9.81
N HIS A 27 -4.11 -13.99 9.65
CA HIS A 27 -5.16 -13.80 10.66
C HIS A 27 -4.70 -14.28 12.02
N LYS A 28 -4.06 -15.44 12.05
CA LYS A 28 -3.56 -16.03 13.30
C LYS A 28 -2.55 -15.13 14.02
N ILE A 29 -1.56 -14.61 13.30
CA ILE A 29 -0.51 -13.82 13.96
C ILE A 29 -0.93 -12.38 14.22
N ARG A 30 -2.05 -11.98 13.64
CA ARG A 30 -2.47 -10.58 13.66
C ARG A 30 -2.55 -9.95 15.07
N PRO A 31 -3.06 -10.68 16.08
CA PRO A 31 -3.08 -10.07 17.42
C PRO A 31 -1.70 -9.63 17.90
N ILE A 32 -0.66 -10.36 17.52
CA ILE A 32 0.70 -10.02 17.91
C ILE A 32 1.27 -8.92 17.03
N ALA A 33 1.23 -9.17 15.72
CA ALA A 33 1.91 -8.34 14.76
C ALA A 33 1.29 -6.96 14.55
N GLU A 34 0.00 -6.82 14.83
CA GLU A 34 -0.61 -5.50 14.66
C GLU A 34 -0.17 -4.56 15.78
N GLN A 35 0.42 -5.12 16.83
CA GLN A 35 0.94 -4.31 17.92
C GLN A 35 2.33 -3.77 17.60
N THR A 36 2.93 -4.28 16.53
CA THR A 36 4.27 -3.83 16.15
C THR A 36 4.34 -3.28 14.73
N GLY A 37 3.25 -3.46 13.98
CA GLY A 37 3.14 -2.88 12.65
C GLY A 37 3.76 -3.73 11.55
N ILE A 38 4.96 -4.21 11.78
CA ILE A 38 5.59 -5.14 10.85
C ILE A 38 5.94 -6.42 11.59
N CYS A 39 6.04 -7.52 10.84
CA CYS A 39 6.60 -8.76 11.37
C CYS A 39 7.36 -9.46 10.27
N LYS A 40 8.15 -10.45 10.67
CA LYS A 40 8.94 -11.21 9.74
C LYS A 40 8.46 -12.66 9.71
N VAL A 41 8.39 -13.24 8.53
CA VAL A 41 7.98 -14.64 8.41
C VAL A 41 9.04 -15.44 7.69
N ARG A 42 9.57 -16.45 8.39
CA ARG A 42 10.50 -17.39 7.79
C ARG A 42 9.76 -18.63 7.30
N PRO A 43 9.78 -18.87 6.00
CA PRO A 43 9.07 -20.05 5.49
C PRO A 43 9.71 -21.35 6.00
N PRO A 44 9.00 -22.47 5.93
CA PRO A 44 9.65 -23.76 6.22
C PRO A 44 10.91 -23.93 5.39
N PRO A 45 11.93 -24.60 5.94
CA PRO A 45 13.28 -24.63 5.36
C PRO A 45 13.33 -25.10 3.91
N ASP A 46 12.43 -25.99 3.51
CA ASP A 46 12.46 -26.48 2.14
C ASP A 46 11.52 -25.75 1.21
N TRP A 47 10.81 -24.72 1.68
CA TRP A 47 10.07 -23.86 0.77
C TRP A 47 11.09 -22.97 0.09
N GLN A 48 11.48 -23.34 -1.12
CA GLN A 48 12.55 -22.59 -1.79
C GLN A 48 12.21 -22.36 -3.24
N PRO A 49 11.44 -21.29 -3.51
CA PRO A 49 11.03 -20.99 -4.89
C PRO A 49 12.25 -20.68 -5.72
N PRO A 50 12.37 -21.30 -6.91
CA PRO A 50 13.56 -21.07 -7.71
C PRO A 50 13.54 -19.69 -8.31
N PHE A 51 14.66 -18.98 -8.22
CA PHE A 51 14.81 -17.70 -8.90
C PHE A 51 15.72 -17.89 -10.10
N ALA A 52 15.28 -17.42 -11.27
CA ALA A 52 16.11 -17.47 -12.46
C ALA A 52 15.80 -16.30 -13.36
N CYS A 53 16.84 -15.61 -13.80
CA CYS A 53 16.73 -14.54 -14.78
C CYS A 53 18.09 -14.23 -15.38
N ASP A 54 18.08 -13.66 -16.58
CA ASP A 54 19.32 -13.26 -17.22
C ASP A 54 19.67 -11.85 -16.78
N VAL A 55 20.81 -11.72 -16.13
CA VAL A 55 21.24 -10.44 -15.59
C VAL A 55 21.60 -9.41 -16.67
N ASP A 56 21.73 -9.87 -17.91
CA ASP A 56 22.14 -8.99 -19.01
C ASP A 56 20.95 -8.51 -19.82
N LYS A 57 19.84 -9.22 -19.74
CA LYS A 57 18.67 -8.88 -20.51
C LYS A 57 17.65 -8.08 -19.69
N LEU A 58 17.81 -8.07 -18.37
CA LEU A 58 16.91 -7.28 -17.52
C LEU A 58 17.42 -5.84 -17.39
N HIS A 59 16.65 -4.89 -17.93
CA HIS A 59 17.01 -3.47 -17.94
C HIS A 59 16.08 -2.68 -17.02
N PHE A 60 16.57 -1.58 -16.46
CA PHE A 60 15.73 -0.64 -15.73
C PHE A 60 16.47 0.68 -15.52
N THR A 61 15.71 1.74 -15.24
CA THR A 61 16.31 3.03 -14.91
C THR A 61 16.04 3.35 -13.45
N PRO A 62 17.10 3.54 -12.64
CA PRO A 62 16.86 3.72 -11.22
C PRO A 62 16.69 5.18 -10.86
N ARG A 63 16.09 5.46 -9.71
CA ARG A 63 15.99 6.83 -9.21
C ARG A 63 17.25 7.20 -8.44
N ILE A 64 17.69 8.44 -8.59
CA ILE A 64 18.81 8.94 -7.84
C ILE A 64 18.28 9.40 -6.48
N GLN A 65 19.04 9.11 -5.43
CA GLN A 65 18.53 9.35 -4.09
C GLN A 65 19.57 10.10 -3.28
N ARG A 66 19.21 11.29 -2.80
CA ARG A 66 20.04 11.99 -1.82
C ARG A 66 19.66 11.47 -0.45
N LEU A 67 20.63 11.35 0.44
CA LEU A 67 20.36 10.78 1.74
C LEU A 67 20.44 11.85 2.84
N ASN A 68 19.39 12.64 2.93
CA ASN A 68 19.32 13.70 3.93
C ASN A 68 18.09 13.58 4.80
N GLU A 69 18.29 13.41 6.10
CA GLU A 69 17.16 13.25 7.01
C GLU A 69 16.25 14.47 6.95
N LEU A 70 14.94 14.24 7.00
CA LEU A 70 13.91 15.28 6.98
C LEU A 70 13.74 16.00 5.64
N GLU A 71 14.60 15.71 4.67
CA GLU A 71 14.45 16.30 3.34
C GLU A 71 13.32 15.65 2.57
N ALA A 72 12.50 16.47 1.89
CA ALA A 72 11.39 15.97 1.10
C ALA A 72 11.86 15.11 -0.07
N GLN A 73 11.18 13.98 -0.26
CA GLN A 73 11.31 13.16 -1.45
C GLN A 73 9.90 12.87 -1.93
N THR A 74 9.72 12.64 -3.23
CA THR A 74 8.40 12.32 -3.74
C THR A 74 8.26 10.80 -3.81
N ARG A 75 7.07 10.28 -3.52
CA ARG A 75 6.92 8.83 -3.38
C ARG A 75 7.08 8.09 -4.71
N VAL A 76 6.92 8.79 -5.82
CA VAL A 76 7.21 8.21 -7.14
C VAL A 76 7.81 9.24 -8.10
N LYS A 77 9.01 8.94 -8.60
CA LYS A 77 9.74 9.81 -9.53
C LYS A 77 9.96 11.22 -8.99
N ALA A 83 18.63 9.12 -14.34
CA ALA A 83 19.68 9.75 -15.12
C ALA A 83 20.42 8.75 -16.00
N ARG A 84 20.10 7.46 -15.88
CA ARG A 84 20.81 6.43 -16.63
C ARG A 84 20.14 5.04 -16.56
N ASP A 85 20.29 4.26 -17.62
CA ASP A 85 19.78 2.89 -17.68
C ASP A 85 20.84 1.87 -17.24
N TYR A 86 20.43 0.87 -16.45
CA TYR A 86 21.32 -0.20 -16.02
C TYR A 86 20.76 -1.55 -16.44
N THR A 87 21.64 -2.54 -16.63
CA THR A 87 21.15 -3.91 -16.57
C THR A 87 21.36 -4.34 -15.13
N LEU A 88 20.75 -5.47 -14.76
CA LEU A 88 20.94 -5.98 -13.41
C LEU A 88 22.42 -6.24 -13.13
N ARG A 89 23.15 -6.74 -14.14
CA ARG A 89 24.59 -6.93 -13.96
C ARG A 89 25.34 -5.64 -13.69
N THR A 90 25.10 -4.60 -14.50
CA THR A 90 25.87 -3.37 -14.36
C THR A 90 25.46 -2.60 -13.10
N PHE A 91 24.19 -2.70 -12.71
CA PHE A 91 23.77 -2.11 -11.43
C PHE A 91 24.51 -2.82 -10.29
N GLY A 92 24.52 -4.14 -10.33
CA GLY A 92 25.24 -4.95 -9.35
C GLY A 92 26.71 -4.58 -9.23
N GLU A 93 27.37 -4.40 -10.36
CA GLU A 93 28.78 -4.02 -10.37
C GLU A 93 28.97 -2.64 -9.73
N MET A 94 28.08 -1.71 -10.07
CA MET A 94 28.08 -0.38 -9.47
C MET A 94 27.87 -0.49 -7.96
N ALA A 95 26.87 -1.28 -7.57
CA ALA A 95 26.45 -1.39 -6.18
C ALA A 95 27.56 -1.99 -5.31
N ASP A 96 28.16 -3.07 -5.76
CA ASP A 96 29.23 -3.73 -5.00
C ASP A 96 30.44 -2.83 -4.85
N ALA A 97 30.82 -2.16 -5.94
CA ALA A 97 31.97 -1.25 -5.90
C ALA A 97 31.72 -0.09 -4.94
N PHE A 98 30.49 0.44 -4.96
CA PHE A 98 30.13 1.52 -4.05
C PHE A 98 30.36 1.13 -2.59
N LYS A 99 29.79 0.00 -2.19
CA LYS A 99 29.86 -0.42 -0.79
C LYS A 99 31.28 -0.77 -0.42
N SER A 100 31.95 -1.44 -1.36
CA SER A 100 33.32 -1.89 -1.16
C SER A 100 34.24 -0.69 -0.96
N ASP A 101 34.04 0.35 -1.75
CA ASP A 101 34.84 1.57 -1.65
C ASP A 101 34.48 2.41 -0.44
N TYR A 102 33.20 2.43 -0.10
CA TYR A 102 32.73 3.23 1.03
C TYR A 102 33.39 2.80 2.33
N PHE A 103 33.49 1.49 2.53
CA PHE A 103 33.99 0.96 3.79
C PHE A 103 35.43 0.48 3.69
N ASN A 104 35.97 0.51 2.48
CA ASN A 104 37.27 -0.11 2.19
C ASN A 104 37.34 -1.53 2.72
N MET A 105 36.29 -2.31 2.47
CA MET A 105 36.23 -3.71 2.89
C MET A 105 35.53 -4.58 1.84
N PRO A 106 35.77 -5.91 1.86
CA PRO A 106 34.87 -6.79 1.10
C PRO A 106 33.42 -6.69 1.64
N VAL A 107 32.40 -6.75 0.77
CA VAL A 107 31.02 -6.42 1.20
C VAL A 107 30.42 -7.32 2.31
N HIS A 108 30.75 -8.60 2.29
CA HIS A 108 30.24 -9.57 3.27
C HIS A 108 30.87 -9.45 4.63
N MET A 109 31.90 -8.62 4.70
CA MET A 109 32.61 -8.47 5.94
C MET A 109 32.05 -7.27 6.66
N VAL A 110 31.24 -6.47 5.98
CA VAL A 110 30.68 -5.27 6.63
C VAL A 110 29.50 -5.67 7.51
N PRO A 111 29.66 -5.56 8.84
CA PRO A 111 28.62 -5.87 9.83
C PRO A 111 27.33 -5.10 9.57
N THR A 112 26.18 -5.77 9.68
CA THR A 112 24.90 -5.09 9.45
C THR A 112 24.70 -3.97 10.47
N GLU A 113 25.14 -4.20 11.70
CA GLU A 113 25.05 -3.18 12.75
C GLU A 113 25.82 -1.90 12.38
N LEU A 114 26.92 -2.06 11.65
CA LEU A 114 27.74 -0.93 11.24
C LEU A 114 27.12 -0.16 10.08
N VAL A 115 26.59 -0.89 9.10
CA VAL A 115 25.88 -0.21 8.00
C VAL A 115 24.71 0.60 8.57
N GLU A 116 24.00 0.04 9.55
CA GLU A 116 22.88 0.74 10.17
C GLU A 116 23.30 2.01 10.89
N LYS A 117 24.32 1.90 11.75
CA LYS A 117 24.87 3.08 12.44
C LYS A 117 25.30 4.14 11.45
N GLU A 118 26.01 3.70 10.42
CA GLU A 118 26.55 4.62 9.43
C GLU A 118 25.48 5.30 8.62
N PHE A 119 24.42 4.54 8.30
CA PHE A 119 23.28 5.13 7.59
C PHE A 119 22.72 6.29 8.39
N TRP A 120 22.50 6.09 9.68
CA TRP A 120 21.88 7.18 10.44
C TRP A 120 22.87 8.34 10.71
N ARG A 121 24.17 8.05 10.74
CA ARG A 121 25.15 9.15 10.84
C ARG A 121 25.10 9.98 9.55
N LEU A 122 25.17 9.27 8.44
CA LEU A 122 25.21 9.83 7.11
C LEU A 122 24.04 10.77 6.76
N VAL A 123 22.82 10.32 7.05
CA VAL A 123 21.64 11.11 6.71
C VAL A 123 21.53 12.33 7.65
N SER A 124 22.20 12.25 8.79
CA SER A 124 22.22 13.31 9.81
C SER A 124 23.19 14.45 9.52
N THR A 125 24.24 14.14 8.78
CA THR A 125 25.37 15.06 8.60
C THR A 125 25.22 15.89 7.34
N ILE A 126 25.17 17.21 7.50
CA ILE A 126 25.00 18.13 6.38
C ILE A 126 26.18 18.06 5.43
N GLU A 127 27.38 17.96 6.00
CA GLU A 127 28.62 17.95 5.24
C GLU A 127 28.73 16.75 4.31
N GLU A 128 28.11 15.65 4.72
CA GLU A 128 28.03 14.45 3.88
C GLU A 128 26.95 14.65 2.83
N ASP A 129 27.29 14.44 1.56
CA ASP A 129 26.27 14.48 0.52
C ASP A 129 26.37 13.24 -0.37
N VAL A 130 26.12 12.09 0.25
CA VAL A 130 26.18 10.81 -0.42
C VAL A 130 24.90 10.59 -1.22
N THR A 131 25.04 10.18 -2.48
CA THR A 131 23.89 9.84 -3.29
C THR A 131 23.98 8.40 -3.77
N VAL A 132 22.84 7.71 -3.81
CA VAL A 132 22.81 6.34 -4.25
C VAL A 132 21.68 6.22 -5.26
N GLU A 133 21.48 5.02 -5.78
CA GLU A 133 20.45 4.79 -6.78
C GLU A 133 19.67 3.55 -6.41
N TYR A 134 18.42 3.51 -6.83
CA TYR A 134 17.43 2.53 -6.38
C TYR A 134 16.49 2.18 -7.52
N GLY A 135 16.30 0.90 -7.79
CA GLY A 135 15.28 0.51 -8.74
C GLY A 135 13.92 0.21 -8.10
N ALA A 136 12.85 0.88 -8.55
CA ALA A 136 11.49 0.51 -8.13
C ALA A 136 10.55 0.45 -9.33
N ASP A 137 10.05 -0.75 -9.65
CA ASP A 137 9.37 -0.95 -10.92
C ASP A 137 8.33 -2.05 -10.90
N ILE A 138 7.19 -1.78 -11.54
CA ILE A 138 6.10 -2.74 -11.57
C ILE A 138 6.44 -3.92 -12.46
N ALA A 139 6.07 -5.11 -11.99
CA ALA A 139 6.11 -6.34 -12.77
C ALA A 139 5.51 -6.12 -14.16
N SER A 140 6.34 -6.28 -15.19
CA SER A 140 5.91 -6.12 -16.56
C SER A 140 6.62 -7.13 -17.44
N LYS A 141 6.29 -7.14 -18.73
CA LYS A 141 6.94 -8.03 -19.68
C LYS A 141 8.43 -7.69 -19.79
N GLU A 142 8.77 -6.42 -19.57
CA GLU A 142 10.14 -5.96 -19.67
C GLU A 142 10.92 -6.24 -18.39
N PHE A 143 10.20 -6.49 -17.31
CA PHE A 143 10.81 -6.84 -16.02
C PHE A 143 9.81 -7.60 -15.17
N GLY A 144 9.91 -8.92 -15.18
CA GLY A 144 8.87 -9.75 -14.58
C GLY A 144 9.10 -10.16 -13.14
N SER A 145 8.11 -10.87 -12.60
CA SER A 145 8.15 -11.34 -11.22
C SER A 145 9.35 -12.26 -10.96
N GLY A 146 9.85 -12.22 -9.72
CA GLY A 146 10.91 -13.13 -9.32
C GLY A 146 10.35 -14.51 -9.04
N PHE A 147 9.03 -14.59 -8.90
CA PHE A 147 8.36 -15.88 -8.70
C PHE A 147 7.98 -16.48 -10.07
N PRO A 148 7.87 -17.82 -10.13
CA PRO A 148 7.46 -18.44 -11.40
C PRO A 148 6.03 -18.07 -11.81
N VAL A 149 5.83 -17.82 -13.10
CA VAL A 149 4.49 -17.60 -13.64
C VAL A 149 4.23 -18.49 -14.86
N ARG A 150 2.95 -18.68 -15.20
CA ARG A 150 2.61 -19.38 -16.43
C ARG A 150 2.83 -18.50 -17.65
N ASP A 151 3.66 -18.96 -18.59
CA ASP A 151 3.94 -18.19 -19.80
C ASP A 151 4.24 -19.11 -20.98
N ILE A 154 7.04 -19.72 -21.91
CA ILE A 154 8.04 -20.72 -21.58
C ILE A 154 7.42 -22.06 -21.20
N LYS A 155 8.22 -23.12 -21.30
CA LYS A 155 7.89 -24.40 -20.68
C LYS A 155 8.59 -24.44 -19.32
N LEU A 156 7.82 -24.64 -18.26
CA LEU A 156 8.35 -24.54 -16.90
C LEU A 156 8.83 -25.89 -16.34
N SER A 157 9.87 -25.84 -15.52
CA SER A 157 10.40 -27.02 -14.82
C SER A 157 9.47 -27.44 -13.69
N PRO A 158 9.53 -28.73 -13.29
CA PRO A 158 8.73 -29.19 -12.14
C PRO A 158 8.94 -28.37 -10.87
N GLU A 159 10.17 -27.92 -10.64
CA GLU A 159 10.47 -27.08 -9.49
C GLU A 159 9.62 -25.80 -9.53
N GLU A 160 9.53 -25.19 -10.70
CA GLU A 160 8.73 -23.98 -10.87
C GLU A 160 7.23 -24.29 -10.72
N GLU A 161 6.80 -25.43 -11.22
CA GLU A 161 5.39 -25.81 -11.20
C GLU A 161 4.92 -26.03 -9.76
N GLU A 162 5.82 -26.51 -8.92
CA GLU A 162 5.57 -26.64 -7.48
C GLU A 162 5.12 -25.34 -6.81
N TYR A 163 5.66 -24.22 -7.27
CA TYR A 163 5.46 -22.92 -6.62
C TYR A 163 4.55 -22.01 -7.42
N LEU A 164 3.99 -22.53 -8.51
CA LEU A 164 3.14 -21.73 -9.38
C LEU A 164 1.87 -21.30 -8.68
N ASP A 165 1.32 -22.21 -7.89
CA ASP A 165 0.02 -21.98 -7.29
C ASP A 165 0.14 -21.68 -5.81
N SER A 166 1.38 -21.53 -5.34
CA SER A 166 1.59 -21.18 -3.95
C SER A 166 0.85 -19.90 -3.58
N GLY A 167 0.20 -19.90 -2.43
CA GLY A 167 -0.38 -18.69 -1.89
C GLY A 167 0.71 -17.64 -1.62
N TRP A 168 1.91 -18.09 -1.25
CA TRP A 168 3.00 -17.16 -0.94
C TRP A 168 3.79 -16.72 -2.17
N ASN A 169 3.46 -17.29 -3.33
CA ASN A 169 3.88 -16.72 -4.60
C ASN A 169 3.12 -15.41 -4.75
N LEU A 170 3.83 -14.28 -4.76
CA LEU A 170 3.16 -12.99 -4.62
C LEU A 170 2.31 -12.58 -5.83
N ASN A 171 2.42 -13.32 -6.94
CA ASN A 171 1.48 -13.12 -8.05
C ASN A 171 0.10 -13.65 -7.72
N ASN A 172 0.04 -14.63 -6.84
CA ASN A 172 -1.22 -15.27 -6.53
C ASN A 172 -2.02 -14.49 -5.49
N MET A 173 -1.40 -14.16 -4.35
CA MET A 173 -2.08 -13.46 -3.25
C MET A 173 -3.07 -12.37 -3.67
N PRO A 174 -2.70 -11.48 -4.61
CA PRO A 174 -3.68 -10.46 -4.99
C PRO A 174 -4.94 -11.05 -5.61
N VAL A 175 -4.79 -11.81 -6.69
CA VAL A 175 -5.95 -12.34 -7.39
C VAL A 175 -6.53 -13.60 -6.72
N MET A 176 -6.16 -13.86 -5.47
CA MET A 176 -6.82 -14.96 -4.75
C MET A 176 -8.15 -14.46 -4.23
N GLU A 177 -9.08 -15.37 -4.00
CA GLU A 177 -10.44 -15.00 -3.59
C GLU A 177 -10.40 -14.15 -2.33
N GLN A 178 -9.38 -14.32 -1.50
CA GLN A 178 -9.38 -13.67 -0.20
C GLN A 178 -8.69 -12.32 -0.14
N SER A 179 -8.09 -11.83 -1.24
CA SER A 179 -7.83 -10.39 -1.29
C SER A 179 -9.02 -9.71 -1.97
N VAL A 180 -9.72 -8.87 -1.23
CA VAL A 180 -10.89 -8.21 -1.77
C VAL A 180 -10.47 -7.30 -2.92
N LEU A 181 -9.17 -7.00 -3.03
CA LEU A 181 -8.67 -6.25 -4.17
C LEU A 181 -8.86 -7.05 -5.47
N ALA A 182 -8.85 -8.38 -5.38
CA ALA A 182 -9.03 -9.25 -6.55
C ALA A 182 -10.33 -8.99 -7.29
N HIS A 183 -11.35 -8.54 -6.57
CA HIS A 183 -12.66 -8.38 -7.15
C HIS A 183 -12.83 -7.06 -7.87
N ILE A 184 -11.98 -6.09 -7.57
CA ILE A 184 -12.06 -4.79 -8.26
C ILE A 184 -11.82 -4.94 -9.77
N THR A 185 -12.73 -4.38 -10.56
CA THR A 185 -12.60 -4.41 -12.01
C THR A 185 -11.88 -3.15 -12.53
N ALA A 186 -11.95 -2.06 -11.77
CA ALA A 186 -11.08 -0.92 -12.03
C ALA A 186 -9.64 -1.40 -11.92
N ASP A 187 -8.83 -1.18 -12.96
CA ASP A 187 -7.55 -1.88 -13.10
C ASP A 187 -6.61 -1.75 -11.91
N ILE A 188 -6.55 -0.53 -11.32
CA ILE A 188 -5.68 -0.18 -10.19
C ILE A 188 -4.32 -0.93 -10.16
N CYS A 189 -3.64 -0.95 -11.30
CA CYS A 189 -2.39 -1.72 -11.48
C CYS A 189 -1.35 -1.51 -10.37
N GLY A 190 -1.24 -0.29 -9.85
CA GLY A 190 -0.34 0.01 -8.76
C GLY A 190 -0.56 -0.79 -7.47
N MET A 191 -1.72 -1.43 -7.34
CA MET A 191 -2.10 -2.14 -6.11
C MET A 191 -2.40 -3.63 -6.28
N LYS A 192 -2.32 -4.15 -7.50
CA LYS A 192 -2.64 -5.55 -7.72
C LYS A 192 -1.44 -6.33 -8.23
N LEU A 193 -0.54 -5.60 -8.89
CA LEU A 193 0.61 -6.23 -9.51
C LEU A 193 1.78 -6.09 -8.55
N PRO A 194 2.66 -7.11 -8.50
CA PRO A 194 3.85 -6.97 -7.67
C PRO A 194 4.76 -5.85 -8.17
N TRP A 195 5.51 -5.28 -7.24
CA TRP A 195 6.58 -4.34 -7.57
C TRP A 195 7.91 -5.02 -7.29
N LEU A 196 8.90 -4.72 -8.12
CA LEU A 196 10.26 -5.19 -7.91
C LEU A 196 11.17 -4.06 -7.43
N TYR A 197 12.02 -4.38 -6.46
CA TYR A 197 12.95 -3.40 -5.92
C TYR A 197 14.36 -3.94 -5.99
N VAL A 198 15.21 -3.28 -6.77
CA VAL A 198 16.62 -3.65 -6.82
C VAL A 198 17.43 -2.70 -5.95
N GLY A 199 17.99 -3.20 -4.85
CA GLY A 199 18.62 -2.31 -3.90
C GLY A 199 20.13 -2.24 -4.00
N MET A 200 20.70 -1.23 -3.36
CA MET A 200 22.14 -1.16 -3.11
C MET A 200 22.36 -0.61 -1.69
N CYS A 201 23.59 -0.68 -1.21
CA CYS A 201 23.90 -0.16 0.13
C CYS A 201 23.37 1.28 0.33
N PHE A 202 22.57 1.46 1.39
CA PHE A 202 21.97 2.75 1.81
C PHE A 202 20.79 3.22 0.97
N SER A 203 20.45 2.53 -0.12
CA SER A 203 19.26 2.98 -0.86
C SER A 203 18.07 2.77 0.06
N SER A 204 17.11 3.69 0.02
CA SER A 204 16.20 3.84 1.14
C SER A 204 14.73 3.95 0.74
N PHE A 205 13.84 3.40 1.56
CA PHE A 205 12.42 3.75 1.41
C PHE A 205 11.98 4.63 2.59
N CYS A 206 11.41 5.78 2.27
CA CYS A 206 10.99 6.76 3.28
C CYS A 206 9.81 6.26 4.07
N TRP A 207 9.55 6.92 5.20
CA TRP A 207 8.38 6.63 6.03
C TRP A 207 7.08 6.80 5.26
N HIS A 208 6.24 5.76 5.28
CA HIS A 208 4.95 5.83 4.60
C HIS A 208 4.04 4.73 5.09
N ILE A 209 2.75 4.87 4.76
CA ILE A 209 1.79 3.79 4.87
C ILE A 209 1.24 3.50 3.47
N GLU A 210 0.61 2.34 3.33
CA GLU A 210 0.12 1.91 2.03
C GLU A 210 -1.18 2.62 1.70
N ASP A 211 -1.44 2.81 0.41
CA ASP A 211 -2.69 3.39 -0.06
C ASP A 211 -3.87 2.59 0.48
N HIS A 212 -4.93 3.32 0.84
CA HIS A 212 -6.13 2.74 1.43
C HIS A 212 -5.84 1.93 2.68
N TRP A 213 -4.72 2.22 3.34
CA TRP A 213 -4.31 1.49 4.55
C TRP A 213 -4.27 -0.03 4.35
N SER A 214 -3.88 -0.47 3.17
CA SER A 214 -3.82 -1.90 2.89
C SER A 214 -2.62 -2.57 3.57
N TYR A 215 -2.65 -3.90 3.66
CA TYR A 215 -1.47 -4.69 4.02
C TYR A 215 -0.44 -4.59 2.93
N SER A 216 0.82 -4.93 3.23
CA SER A 216 1.74 -5.30 2.16
C SER A 216 2.53 -6.53 2.59
N ILE A 217 3.03 -7.27 1.62
CA ILE A 217 3.91 -8.40 1.88
C ILE A 217 5.09 -8.28 0.93
N ASN A 218 6.30 -8.43 1.50
CA ASN A 218 7.54 -8.21 0.79
CA ASN A 218 7.60 -8.18 0.82
C ASN A 218 8.44 -9.44 0.94
N TYR A 219 8.97 -9.91 -0.18
CA TYR A 219 9.83 -11.09 -0.18
C TYR A 219 11.19 -10.69 -0.69
N LEU A 220 12.24 -11.00 0.07
CA LEU A 220 13.59 -10.74 -0.43
C LEU A 220 14.08 -11.99 -1.18
N HIS A 221 14.11 -11.93 -2.50
CA HIS A 221 14.50 -13.08 -3.32
C HIS A 221 15.97 -13.47 -3.08
N TRP A 222 16.87 -12.50 -3.07
CA TRP A 222 18.29 -12.77 -2.85
C TRP A 222 19.06 -11.48 -2.58
N GLY A 223 20.30 -11.62 -2.12
CA GLY A 223 21.19 -10.49 -1.92
C GLY A 223 21.37 -10.20 -0.44
N GLU A 224 21.96 -9.04 -0.16
CA GLU A 224 22.21 -8.64 1.22
C GLU A 224 20.92 -8.12 1.89
N PRO A 225 20.93 -8.05 3.23
CA PRO A 225 19.64 -7.81 3.87
C PRO A 225 18.98 -6.46 3.61
N LYS A 226 17.69 -6.41 3.92
CA LYS A 226 16.91 -5.17 3.88
C LYS A 226 16.56 -4.81 5.32
N THR A 227 16.98 -3.64 5.78
CA THR A 227 16.71 -3.24 7.16
C THR A 227 15.41 -2.45 7.23
N TRP A 228 14.51 -2.85 8.14
CA TRP A 228 13.19 -2.25 8.29
C TRP A 228 12.98 -1.56 9.64
N TYR A 229 12.18 -0.50 9.63
CA TYR A 229 11.59 0.04 10.85
C TYR A 229 10.09 0.12 10.67
N GLY A 230 9.34 -0.24 11.71
CA GLY A 230 7.89 -0.26 11.63
C GLY A 230 7.24 0.30 12.88
N VAL A 231 6.06 0.88 12.68
CA VAL A 231 5.27 1.50 13.75
C VAL A 231 3.86 0.90 13.65
N PRO A 232 3.29 0.49 14.79
CA PRO A 232 1.95 -0.10 14.71
C PRO A 232 0.88 0.91 14.27
N GLY A 233 -0.17 0.40 13.64
CA GLY A 233 -1.25 1.24 13.16
C GLY A 233 -1.85 2.15 14.21
N TYR A 234 -1.93 1.69 15.46
CA TYR A 234 -2.57 2.51 16.48
C TYR A 234 -1.78 3.78 16.75
N ALA A 235 -0.49 3.80 16.39
CA ALA A 235 0.34 4.96 16.65
C ALA A 235 0.56 5.83 15.42
N ALA A 236 -0.22 5.59 14.37
CA ALA A 236 -0.04 6.32 13.10
C ALA A 236 -0.13 7.84 13.27
N GLU A 237 -1.17 8.32 13.95
CA GLU A 237 -1.32 9.76 14.10
C GLU A 237 -0.28 10.37 15.05
N GLN A 238 0.19 9.58 16.02
CA GLN A 238 1.33 10.03 16.86
C GLN A 238 2.55 10.35 16.02
N LEU A 239 2.90 9.43 15.11
CA LEU A 239 4.07 9.61 14.26
C LEU A 239 3.88 10.83 13.38
N GLU A 240 2.68 10.98 12.82
CA GLU A 240 2.40 12.09 11.93
C GLU A 240 2.55 13.43 12.69
N ASN A 241 2.06 13.47 13.92
CA ASN A 241 2.22 14.67 14.74
C ASN A 241 3.68 15.02 14.99
N VAL A 242 4.50 14.01 15.27
CA VAL A 242 5.93 14.23 15.45
C VAL A 242 6.55 14.77 14.16
N MET A 243 6.22 14.15 13.03
CA MET A 243 6.82 14.52 11.75
C MET A 243 6.39 15.92 11.33
N LYS A 244 5.10 16.23 11.52
CA LYS A 244 4.56 17.55 11.18
C LYS A 244 5.26 18.68 11.94
N LYS A 245 5.61 18.42 13.19
CA LYS A 245 6.32 19.43 13.97
C LYS A 245 7.71 19.64 13.40
N LEU A 246 8.40 18.55 13.08
CA LEU A 246 9.78 18.64 12.62
C LEU A 246 9.93 18.94 11.13
N ALA A 247 8.91 18.62 10.35
CA ALA A 247 8.98 18.83 8.90
C ALA A 247 7.61 19.17 8.31
N PRO A 248 7.09 20.37 8.62
CA PRO A 248 5.74 20.77 8.21
C PRO A 248 5.53 20.86 6.70
N GLU A 249 6.60 21.17 5.95
CA GLU A 249 6.50 21.26 4.49
C GLU A 249 5.99 19.96 3.85
N LEU A 250 6.21 18.82 4.51
CA LEU A 250 5.74 17.54 4.00
C LEU A 250 4.23 17.38 4.10
N PHE A 251 3.58 18.28 4.84
CA PHE A 251 2.17 18.09 5.12
C PHE A 251 1.25 19.06 4.37
N VAL A 252 1.84 19.91 3.52
CA VAL A 252 1.04 20.74 2.63
C VAL A 252 0.30 19.85 1.62
N SER A 253 -0.95 20.18 1.32
CA SER A 253 -1.78 19.31 0.51
C SER A 253 -1.21 19.13 -0.90
N GLN A 254 -1.42 17.95 -1.47
CA GLN A 254 -0.85 17.61 -2.78
C GLN A 254 -1.88 17.74 -3.90
N PRO A 255 -1.45 18.23 -5.06
CA PRO A 255 -2.33 18.44 -6.21
C PRO A 255 -2.83 17.12 -6.80
N ASP A 256 -2.08 16.04 -6.57
CA ASP A 256 -2.51 14.69 -6.96
C ASP A 256 -1.66 13.62 -6.28
N LEU A 257 -1.87 12.37 -6.67
CA LEU A 257 -1.19 11.23 -6.06
C LEU A 257 0.29 11.12 -6.44
N LEU A 258 0.65 11.75 -7.56
CA LEU A 258 2.03 11.69 -8.04
C LEU A 258 2.93 12.71 -7.33
N HIS A 259 2.37 13.41 -6.35
CA HIS A 259 3.13 14.45 -5.65
C HIS A 259 3.12 14.29 -4.14
N GLN A 260 3.01 13.05 -3.66
CA GLN A 260 3.06 12.78 -2.23
C GLN A 260 4.47 12.97 -1.71
N LEU A 261 4.61 13.65 -0.58
CA LEU A 261 5.93 13.92 -0.04
C LEU A 261 6.22 13.00 1.15
N VAL A 262 7.41 12.44 1.18
CA VAL A 262 7.81 11.52 2.23
C VAL A 262 9.25 11.81 2.60
N THR A 263 9.73 11.27 3.72
CA THR A 263 11.07 11.59 4.15
C THR A 263 11.75 10.51 5.00
N ILE A 264 13.06 10.64 5.11
CA ILE A 264 13.87 9.83 6.01
C ILE A 264 13.81 10.45 7.40
N MET A 265 13.59 9.62 8.43
CA MET A 265 13.63 10.16 9.80
C MET A 265 14.08 9.11 10.82
N ASN A 266 15.05 9.49 11.64
CA ASN A 266 15.67 8.59 12.61
C ASN A 266 14.61 8.01 13.53
N PRO A 267 14.55 6.68 13.64
CA PRO A 267 13.61 6.05 14.59
C PRO A 267 13.83 6.52 16.04
N ASN A 268 15.06 6.88 16.42
CA ASN A 268 15.32 7.40 17.77
C ASN A 268 14.53 8.70 18.04
N THR A 269 14.34 9.50 17.01
CA THR A 269 13.51 10.71 17.13
C THR A 269 12.07 10.36 17.49
N LEU A 270 11.55 9.30 16.88
CA LEU A 270 10.19 8.86 17.19
C LEU A 270 10.14 8.29 18.61
N MET A 271 11.14 7.48 18.94
CA MET A 271 11.20 6.84 20.26
C MET A 271 11.34 7.87 21.39
N THR A 272 11.99 8.98 21.09
CA THR A 272 12.13 10.08 22.06
C THR A 272 10.76 10.68 22.32
N HIS A 273 9.88 10.63 21.31
CA HIS A 273 8.55 11.19 21.46
C HIS A 273 7.52 10.13 21.78
N GLU A 274 8.00 9.01 22.30
CA GLU A 274 7.15 7.94 22.82
C GLU A 274 6.30 7.26 21.75
N VAL A 275 6.75 7.34 20.50
CA VAL A 275 6.17 6.54 19.43
C VAL A 275 6.84 5.18 19.39
N PRO A 276 6.08 4.08 19.54
CA PRO A 276 6.69 2.76 19.50
C PRO A 276 7.22 2.40 18.12
N VAL A 277 8.48 1.95 18.05
CA VAL A 277 9.15 1.61 16.79
C VAL A 277 9.84 0.26 16.95
N TYR A 278 9.73 -0.60 15.95
CA TYR A 278 10.39 -1.89 15.94
C TYR A 278 11.26 -2.01 14.69
N ARG A 279 12.28 -2.87 14.75
CA ARG A 279 13.19 -3.04 13.63
C ARG A 279 13.29 -4.51 13.22
N THR A 280 13.85 -4.76 12.05
CA THR A 280 14.29 -6.10 11.68
C THR A 280 15.24 -6.03 10.50
N ASN A 281 16.12 -7.03 10.41
CA ASN A 281 16.89 -7.27 9.20
C ASN A 281 16.22 -8.40 8.46
N GLN A 282 15.63 -8.08 7.32
CA GLN A 282 15.05 -9.10 6.45
C GLN A 282 16.16 -9.69 5.58
N CYS A 283 16.40 -10.99 5.70
CA CYS A 283 17.40 -11.66 4.89
C CYS A 283 16.76 -12.39 3.71
N ALA A 284 17.61 -12.83 2.78
CA ALA A 284 17.14 -13.54 1.59
C ALA A 284 16.30 -14.73 2.00
N GLY A 285 15.15 -14.88 1.34
CA GLY A 285 14.22 -15.97 1.61
C GLY A 285 13.22 -15.68 2.71
N GLU A 286 13.23 -14.47 3.24
CA GLU A 286 12.31 -14.13 4.31
C GLU A 286 11.25 -13.11 3.83
N PHE A 287 10.07 -13.18 4.43
CA PHE A 287 8.98 -12.26 4.19
C PHE A 287 8.91 -11.22 5.30
N VAL A 288 8.57 -9.98 4.94
CA VAL A 288 8.10 -9.00 5.91
C VAL A 288 6.64 -8.65 5.57
N ILE A 289 5.79 -8.62 6.58
CA ILE A 289 4.41 -8.22 6.38
C ILE A 289 4.15 -6.91 7.11
N THR A 290 3.56 -5.94 6.42
CA THR A 290 3.14 -4.70 7.07
C THR A 290 1.62 -4.72 7.23
N PHE A 291 1.14 -4.24 8.37
CA PHE A 291 -0.28 -4.29 8.69
C PHE A 291 -0.97 -2.94 8.39
N PRO A 292 -2.32 -2.92 8.37
CA PRO A 292 -3.02 -1.67 8.02
C PRO A 292 -2.61 -0.45 8.84
N ARG A 293 -2.29 0.62 8.11
CA ARG A 293 -1.90 1.92 8.64
C ARG A 293 -0.61 1.86 9.47
N ALA A 294 0.20 0.82 9.25
CA ALA A 294 1.50 0.71 9.91
C ALA A 294 2.61 1.43 9.15
N TYR A 295 3.09 2.52 9.73
CA TYR A 295 4.18 3.25 9.11
C TYR A 295 5.45 2.39 9.02
N HIS A 296 6.15 2.47 7.90
CA HIS A 296 7.40 1.74 7.82
C HIS A 296 8.38 2.47 6.94
N SER A 297 9.66 2.16 7.16
N SER A 297 9.66 2.19 7.18
CA SER A 297 10.76 2.79 6.46
CA SER A 297 10.75 2.77 6.41
C SER A 297 11.96 1.88 6.59
C SER A 297 11.91 1.81 6.50
N GLY A 298 12.98 2.10 5.77
CA GLY A 298 14.15 1.24 5.82
C GLY A 298 15.20 1.55 4.79
N PHE A 299 16.17 0.67 4.68
CA PHE A 299 17.25 0.86 3.73
C PHE A 299 17.86 -0.50 3.44
N ASN A 300 18.49 -0.62 2.27
CA ASN A 300 19.17 -1.85 1.93
C ASN A 300 20.62 -1.89 2.40
N GLN A 301 21.04 -3.06 2.87
CA GLN A 301 22.40 -3.27 3.35
C GLN A 301 23.38 -3.40 2.19
N GLY A 302 22.85 -3.70 1.02
CA GLY A 302 23.72 -3.99 -0.12
C GLY A 302 22.89 -4.35 -1.34
N PHE A 303 23.56 -4.83 -2.38
CA PHE A 303 22.92 -5.24 -3.63
C PHE A 303 21.89 -6.33 -3.32
N ASN A 304 20.64 -6.10 -3.66
CA ASN A 304 19.63 -7.12 -3.42
C ASN A 304 18.42 -6.96 -4.33
N PHE A 305 17.47 -7.88 -4.19
CA PHE A 305 16.34 -7.97 -5.12
C PHE A 305 15.11 -8.40 -4.37
N ALA A 306 14.11 -7.51 -4.30
CA ALA A 306 12.93 -7.82 -3.50
C ALA A 306 11.68 -7.64 -4.34
N GLU A 307 10.58 -8.21 -3.88
CA GLU A 307 9.31 -8.17 -4.60
C GLU A 307 8.20 -8.04 -3.56
N ALA A 308 7.21 -7.21 -3.88
CA ALA A 308 6.20 -6.86 -2.90
C ALA A 308 4.84 -6.62 -3.55
N VAL A 309 3.77 -6.84 -2.80
CA VAL A 309 2.44 -6.53 -3.31
C VAL A 309 1.55 -6.13 -2.16
N ASN A 310 0.58 -5.27 -2.47
CA ASN A 310 -0.46 -4.88 -1.52
C ASN A 310 -1.56 -5.92 -1.50
N PHE A 311 -2.25 -6.06 -0.39
CA PHE A 311 -3.44 -6.90 -0.35
C PHE A 311 -4.37 -6.45 0.76
N CYS A 312 -5.62 -6.91 0.68
CA CYS A 312 -6.64 -6.55 1.66
C CYS A 312 -7.43 -7.77 2.10
N THR A 313 -7.44 -8.03 3.40
CA THR A 313 -8.20 -9.14 3.99
C THR A 313 -9.58 -8.66 4.43
N VAL A 314 -10.44 -9.58 4.86
CA VAL A 314 -11.74 -9.23 5.43
C VAL A 314 -11.58 -8.44 6.73
N ASP A 315 -10.49 -8.68 7.44
CA ASP A 315 -10.16 -7.93 8.64
C ASP A 315 -10.05 -6.42 8.33
N TRP A 316 -9.71 -6.13 7.08
CA TRP A 316 -9.34 -4.78 6.67
C TRP A 316 -10.53 -3.92 6.25
N LEU A 317 -11.62 -4.54 5.79
CA LEU A 317 -12.73 -3.79 5.20
C LEU A 317 -13.19 -2.56 6.00
N PRO A 318 -13.41 -2.71 7.33
CA PRO A 318 -13.84 -1.48 8.02
C PRO A 318 -12.75 -0.42 8.10
N LEU A 319 -11.48 -0.81 8.13
CA LEU A 319 -10.39 0.16 8.09
C LEU A 319 -10.34 0.86 6.74
N GLY A 320 -10.61 0.09 5.68
CA GLY A 320 -10.67 0.68 4.35
C GLY A 320 -11.74 1.77 4.26
N ARG A 321 -12.88 1.55 4.90
CA ARG A 321 -13.93 2.58 4.92
C ARG A 321 -13.46 3.80 5.72
N GLN A 322 -12.80 3.54 6.84
CA GLN A 322 -12.26 4.63 7.67
C GLN A 322 -11.18 5.41 6.91
N CYS A 323 -10.36 4.71 6.14
CA CYS A 323 -9.33 5.38 5.39
C CYS A 323 -9.91 6.39 4.40
N VAL A 324 -10.94 5.98 3.67
CA VAL A 324 -11.55 6.86 2.68
C VAL A 324 -12.18 8.10 3.37
N GLU A 325 -12.74 7.89 4.55
CA GLU A 325 -13.25 9.00 5.33
C GLU A 325 -12.10 9.93 5.74
N HIS A 326 -10.97 9.33 6.11
CA HIS A 326 -9.78 10.11 6.47
C HIS A 326 -9.25 10.89 5.26
N TYR A 327 -9.22 10.24 4.09
CA TYR A 327 -8.81 10.89 2.85
C TYR A 327 -9.69 12.11 2.55
N ARG A 328 -10.99 11.95 2.78
CA ARG A 328 -11.96 13.01 2.56
CA ARG A 328 -11.96 13.03 2.53
C ARG A 328 -11.62 14.23 3.41
N LEU A 329 -11.40 13.99 4.70
CA LEU A 329 -11.06 15.05 5.64
C LEU A 329 -9.78 15.77 5.24
N LEU A 330 -8.86 15.05 4.62
CA LEU A 330 -7.58 15.62 4.19
C LEU A 330 -7.57 16.10 2.76
N HIS A 331 -8.67 15.88 2.04
CA HIS A 331 -8.75 16.23 0.61
C HIS A 331 -7.72 15.47 -0.22
N ARG A 332 -7.48 14.22 0.14
CA ARG A 332 -6.56 13.38 -0.61
C ARG A 332 -7.26 12.51 -1.63
N TYR A 333 -6.62 12.30 -2.77
CA TYR A 333 -7.21 11.45 -3.81
C TYR A 333 -7.26 9.97 -3.40
N CYS A 334 -8.26 9.27 -3.93
CA CYS A 334 -8.44 7.83 -3.69
C CYS A 334 -7.80 7.07 -4.84
N VAL A 335 -7.34 5.85 -4.59
CA VAL A 335 -6.91 5.01 -5.69
C VAL A 335 -8.12 4.33 -6.35
N PHE A 336 -9.12 3.98 -5.54
CA PHE A 336 -10.36 3.41 -6.06
C PHE A 336 -11.51 3.80 -5.14
N SER A 337 -12.73 3.53 -5.58
CA SER A 337 -13.90 3.77 -4.72
C SER A 337 -14.14 2.54 -3.88
N HIS A 338 -14.09 2.70 -2.56
CA HIS A 338 -14.38 1.63 -1.61
C HIS A 338 -15.84 1.14 -1.77
N ASP A 339 -16.79 2.07 -1.88
CA ASP A 339 -18.20 1.67 -2.02
C ASP A 339 -18.43 0.89 -3.33
N GLU A 340 -17.75 1.31 -4.39
CA GLU A 340 -17.85 0.62 -5.66
C GLU A 340 -17.38 -0.82 -5.53
N MET A 341 -16.33 -1.01 -4.76
CA MET A 341 -15.78 -2.35 -4.54
C MET A 341 -16.79 -3.22 -3.76
N ILE A 342 -17.35 -2.64 -2.71
CA ILE A 342 -18.38 -3.31 -1.90
C ILE A 342 -19.56 -3.74 -2.77
N CYS A 343 -20.08 -2.84 -3.60
CA CYS A 343 -21.24 -3.16 -4.44
C CYS A 343 -20.90 -4.20 -5.51
N LYS A 344 -19.69 -4.14 -6.06
CA LYS A 344 -19.24 -5.16 -7.00
C LYS A 344 -19.33 -6.55 -6.35
N MET A 345 -18.79 -6.64 -5.14
CA MET A 345 -18.81 -7.91 -4.40
C MET A 345 -20.25 -8.34 -4.11
N ALA A 346 -21.09 -7.40 -3.67
CA ALA A 346 -22.51 -7.70 -3.47
C ALA A 346 -23.15 -8.28 -4.74
N SER A 347 -22.82 -7.70 -5.89
CA SER A 347 -23.38 -8.16 -7.17
C SER A 347 -22.87 -9.55 -7.55
N LYS A 348 -21.84 -10.03 -6.85
CA LYS A 348 -21.30 -11.38 -7.05
C LYS A 348 -21.48 -12.24 -5.79
N ALA A 349 -22.51 -11.97 -4.99
CA ALA A 349 -22.66 -12.65 -3.69
C ALA A 349 -22.63 -14.18 -3.80
N ASP A 350 -23.21 -14.74 -4.86
CA ASP A 350 -23.30 -16.21 -5.00
C ASP A 350 -21.95 -16.93 -5.09
N VAL A 351 -20.93 -16.26 -5.60
CA VAL A 351 -19.62 -16.91 -5.78
C VAL A 351 -18.60 -16.48 -4.73
N LEU A 352 -19.00 -15.58 -3.83
CA LEU A 352 -18.10 -15.17 -2.77
C LEU A 352 -17.90 -16.29 -1.77
N ASP A 353 -16.70 -16.34 -1.18
CA ASP A 353 -16.45 -17.11 0.02
C ASP A 353 -17.46 -16.67 1.06
N VAL A 354 -17.87 -17.57 1.95
CA VAL A 354 -18.97 -17.27 2.87
C VAL A 354 -18.56 -16.33 4.00
N VAL A 355 -17.32 -16.41 4.47
CA VAL A 355 -16.85 -15.50 5.50
C VAL A 355 -16.66 -14.11 4.89
N VAL A 356 -16.23 -14.09 3.63
CA VAL A 356 -16.12 -12.83 2.90
C VAL A 356 -17.52 -12.20 2.74
N ALA A 357 -18.49 -13.00 2.32
CA ALA A 357 -19.86 -12.51 2.15
C ALA A 357 -20.39 -11.92 3.44
N SER A 358 -20.10 -12.59 4.55
CA SER A 358 -20.56 -12.13 5.85
C SER A 358 -19.97 -10.76 6.24
N THR A 359 -18.69 -10.58 5.94
CA THR A 359 -17.98 -9.36 6.31
C THR A 359 -18.35 -8.19 5.40
N VAL A 360 -18.51 -8.46 4.10
CA VAL A 360 -18.98 -7.43 3.17
C VAL A 360 -20.38 -6.97 3.57
N GLN A 361 -21.23 -7.92 3.99
CA GLN A 361 -22.58 -7.57 4.40
C GLN A 361 -22.58 -6.53 5.52
N LYS A 362 -21.69 -6.72 6.50
CA LYS A 362 -21.60 -5.78 7.61
C LYS A 362 -21.16 -4.38 7.16
N ASP A 363 -20.14 -4.30 6.32
CA ASP A 363 -19.68 -3.01 5.79
C ASP A 363 -20.79 -2.39 4.94
N MET A 364 -21.48 -3.21 4.16
CA MET A 364 -22.52 -2.68 3.30
C MET A 364 -23.66 -2.08 4.12
N ALA A 365 -23.95 -2.68 5.27
CA ALA A 365 -25.00 -2.16 6.16
C ALA A 365 -24.67 -0.75 6.64
N ILE A 366 -23.40 -0.52 6.98
CA ILE A 366 -22.95 0.81 7.39
C ILE A 366 -23.05 1.80 6.24
N MET A 367 -22.58 1.39 5.07
CA MET A 367 -22.66 2.21 3.87
C MET A 367 -24.10 2.68 3.59
N ILE A 368 -25.04 1.74 3.68
CA ILE A 368 -26.42 2.06 3.34
C ILE A 368 -27.01 3.03 4.36
N GLU A 369 -26.78 2.76 5.64
CA GLU A 369 -27.28 3.65 6.68
C GLU A 369 -26.65 5.05 6.57
N ASP A 370 -25.35 5.12 6.31
CA ASP A 370 -24.72 6.43 6.09
C ASP A 370 -25.30 7.14 4.86
N GLU A 371 -25.55 6.38 3.80
CA GLU A 371 -26.05 6.94 2.54
C GLU A 371 -27.45 7.47 2.76
N LYS A 372 -28.24 6.72 3.50
CA LYS A 372 -29.59 7.14 3.83
C LYS A 372 -29.62 8.51 4.52
N ALA A 373 -28.77 8.67 5.54
CA ALA A 373 -28.68 9.94 6.26
C ALA A 373 -28.22 11.09 5.37
N LEU A 374 -27.25 10.83 4.50
CA LEU A 374 -26.71 11.89 3.62
C LEU A 374 -27.77 12.36 2.64
N ARG A 375 -28.56 11.43 2.11
CA ARG A 375 -29.58 11.81 1.14
C ARG A 375 -30.71 12.61 1.82
N GLU A 376 -31.07 12.24 3.04
CA GLU A 376 -32.08 13.00 3.79
C GLU A 376 -31.59 14.43 4.04
N THR A 377 -30.31 14.57 4.38
CA THR A 377 -29.72 15.88 4.60
C THR A 377 -29.73 16.76 3.35
N VAL A 378 -29.35 16.20 2.19
CA VAL A 378 -29.33 17.05 1.01
C VAL A 378 -30.76 17.36 0.54
N ARG A 379 -31.70 16.45 0.76
CA ARG A 379 -33.10 16.76 0.44
C ARG A 379 -33.57 17.99 1.26
N LYS A 380 -33.21 18.03 2.53
CA LYS A 380 -33.59 19.14 3.39
C LYS A 380 -32.91 20.44 2.98
N LEU A 381 -31.84 20.33 2.19
CA LEU A 381 -31.16 21.52 1.67
C LEU A 381 -31.87 22.07 0.44
N GLY A 382 -32.85 21.33 -0.05
CA GLY A 382 -33.66 21.79 -1.15
C GLY A 382 -33.22 21.24 -2.50
N VAL A 383 -32.40 20.19 -2.49
CA VAL A 383 -32.12 19.44 -3.71
C VAL A 383 -33.27 18.48 -3.96
N ILE A 384 -33.96 18.65 -5.08
CA ILE A 384 -35.14 17.85 -5.35
C ILE A 384 -35.04 16.94 -6.56
N ASP A 385 -34.57 17.47 -7.69
CA ASP A 385 -34.42 16.63 -8.87
C ASP A 385 -33.36 15.55 -8.64
N SER A 386 -33.54 14.39 -9.26
CA SER A 386 -32.52 13.34 -9.17
C SER A 386 -32.54 12.50 -10.43
N GLU A 387 -31.42 11.83 -10.72
CA GLU A 387 -31.33 10.94 -11.87
C GLU A 387 -30.31 9.86 -11.58
N ARG A 388 -30.62 8.61 -11.94
CA ARG A 388 -29.68 7.52 -11.75
C ARG A 388 -28.44 7.77 -12.60
N MET A 389 -27.28 7.38 -12.10
CA MET A 389 -26.05 7.54 -12.87
C MET A 389 -25.09 6.40 -12.61
N ASP A 390 -24.61 5.78 -13.69
CA ASP A 390 -23.62 4.70 -13.55
C ASP A 390 -22.21 5.25 -13.35
N PHE A 391 -21.91 5.69 -12.13
CA PHE A 391 -20.63 6.29 -11.80
C PHE A 391 -19.43 5.44 -12.24
N GLU A 392 -19.57 4.11 -12.21
CA GLU A 392 -18.40 3.29 -12.47
C GLU A 392 -17.89 3.43 -13.92
N LEU A 393 -18.72 3.98 -14.81
CA LEU A 393 -18.34 4.18 -16.20
C LEU A 393 -17.47 5.42 -16.43
N LEU A 394 -17.55 6.36 -15.51
CA LEU A 394 -16.76 7.60 -15.63
C LEU A 394 -15.31 7.34 -15.24
N PRO A 395 -14.37 7.85 -16.05
CA PRO A 395 -13.00 7.93 -15.60
C PRO A 395 -12.93 8.58 -14.21
N ASP A 396 -11.99 8.16 -13.38
CA ASP A 396 -11.84 8.71 -12.03
C ASP A 396 -11.78 10.24 -11.99
N ASP A 397 -11.03 10.83 -12.91
CA ASP A 397 -10.82 12.27 -12.88
C ASP A 397 -12.07 13.01 -13.29
N GLU A 398 -13.12 12.27 -13.66
CA GLU A 398 -14.40 12.89 -13.98
C GLU A 398 -15.45 12.62 -12.89
N ARG A 399 -15.04 12.00 -11.78
CA ARG A 399 -16.01 11.81 -10.71
C ARG A 399 -15.41 12.06 -9.34
N GLN A 400 -14.46 13.00 -9.27
CA GLN A 400 -13.90 13.40 -7.99
C GLN A 400 -14.65 14.63 -7.47
N CYS A 401 -14.97 14.64 -6.18
CA CYS A 401 -15.58 15.81 -5.57
C CYS A 401 -14.67 17.04 -5.75
N VAL A 402 -15.23 18.11 -6.29
CA VAL A 402 -14.52 19.38 -6.45
C VAL A 402 -13.81 19.83 -5.16
N LYS A 403 -14.46 19.60 -4.04
CA LYS A 403 -13.93 20.05 -2.75
C LYS A 403 -12.93 19.08 -2.13
N CYS A 404 -13.34 17.82 -1.91
CA CYS A 404 -12.53 16.92 -1.10
C CYS A 404 -11.82 15.83 -1.91
N LYS A 405 -12.02 15.84 -3.22
CA LYS A 405 -11.34 14.96 -4.18
C LYS A 405 -11.76 13.49 -4.05
N THR A 406 -12.75 13.18 -3.22
CA THR A 406 -13.15 11.77 -3.08
C THR A 406 -13.70 11.23 -4.41
N THR A 407 -13.48 9.95 -4.68
CA THR A 407 -14.02 9.34 -5.88
C THR A 407 -15.46 8.98 -5.60
N CYS A 408 -16.39 9.60 -6.32
CA CYS A 408 -17.81 9.38 -6.07
C CYS A 408 -18.28 8.05 -6.63
N PHE A 409 -19.27 7.42 -5.99
CA PHE A 409 -19.90 6.24 -6.54
C PHE A 409 -21.35 6.12 -6.11
N MET A 410 -21.63 6.19 -4.80
CA MET A 410 -23.02 6.04 -4.34
C MET A 410 -23.88 7.20 -4.84
N SER A 411 -23.33 8.40 -4.76
CA SER A 411 -24.06 9.61 -5.16
C SER A 411 -23.19 10.86 -5.24
N ALA A 412 -23.74 11.87 -5.89
CA ALA A 412 -23.08 13.16 -6.05
C ALA A 412 -24.12 14.21 -6.43
N ILE A 413 -23.72 15.47 -6.38
CA ILE A 413 -24.57 16.58 -6.78
C ILE A 413 -23.97 17.26 -8.00
N SER A 414 -24.80 17.55 -9.00
CA SER A 414 -24.34 18.29 -10.17
C SER A 414 -25.23 19.52 -10.38
N CYS A 415 -24.74 20.47 -11.15
CA CYS A 415 -25.56 21.61 -11.57
C CYS A 415 -25.30 21.89 -13.05
N SER A 416 -26.36 22.14 -13.81
CA SER A 416 -26.25 22.46 -15.24
C SER A 416 -25.32 23.65 -15.49
N CYS A 417 -25.28 24.57 -14.52
CA CYS A 417 -24.29 25.65 -14.45
C CYS A 417 -22.82 25.26 -14.64
N LYS A 418 -22.40 24.11 -14.14
CA LYS A 418 -21.01 23.69 -14.27
C LYS A 418 -20.91 22.26 -14.77
N PRO A 419 -21.08 22.08 -16.09
CA PRO A 419 -21.17 20.74 -16.67
C PRO A 419 -19.97 19.88 -16.33
N GLY A 420 -20.23 18.64 -15.93
CA GLY A 420 -19.17 17.71 -15.66
C GLY A 420 -18.62 17.76 -14.24
N LEU A 421 -18.86 18.86 -13.54
CA LEU A 421 -18.34 18.97 -12.16
C LEU A 421 -19.30 18.29 -11.19
N LEU A 422 -18.74 17.72 -10.13
CA LEU A 422 -19.50 17.01 -9.12
C LEU A 422 -18.98 17.34 -7.73
N VAL A 423 -19.88 17.35 -6.75
CA VAL A 423 -19.45 17.33 -5.36
C VAL A 423 -20.06 16.11 -4.69
N CYS A 424 -19.40 15.56 -3.66
CA CYS A 424 -20.03 14.48 -2.89
C CYS A 424 -21.09 15.10 -1.98
N LEU A 425 -21.86 14.27 -1.31
CA LEU A 425 -23.00 14.77 -0.54
C LEU A 425 -22.58 15.50 0.74
N HIS A 426 -21.30 15.44 1.09
CA HIS A 426 -20.78 16.25 2.19
C HIS A 426 -20.54 17.68 1.78
N HIS A 427 -20.44 17.94 0.48
CA HIS A 427 -20.02 19.26 0.02
C HIS A 427 -20.98 19.90 -0.96
N VAL A 428 -22.27 19.67 -0.72
CA VAL A 428 -23.33 20.24 -1.54
C VAL A 428 -23.17 21.76 -1.69
N LYS A 429 -22.68 22.42 -0.64
CA LYS A 429 -22.56 23.89 -0.67
C LYS A 429 -21.32 24.40 -1.41
N GLU A 430 -20.52 23.49 -1.96
CA GLU A 430 -19.25 23.91 -2.57
C GLU A 430 -19.23 23.83 -4.08
N LEU A 431 -20.37 23.55 -4.68
CA LEU A 431 -20.41 23.34 -6.12
C LEU A 431 -20.48 24.66 -6.90
N CYS A 432 -21.47 25.48 -6.58
CA CYS A 432 -21.64 26.76 -7.25
C CYS A 432 -22.59 27.63 -6.44
N SER A 433 -22.92 28.80 -6.99
CA SER A 433 -23.74 29.75 -6.24
C SER A 433 -25.22 29.67 -6.61
N CYS A 434 -25.60 28.79 -7.54
CA CYS A 434 -27.02 28.60 -7.84
C CYS A 434 -27.75 28.08 -6.61
N PRO A 435 -29.05 28.37 -6.48
CA PRO A 435 -29.81 27.79 -5.38
C PRO A 435 -29.94 26.29 -5.58
N PRO A 436 -30.00 25.53 -4.48
CA PRO A 436 -30.02 24.07 -4.57
C PRO A 436 -31.18 23.49 -5.38
N TYR A 437 -32.26 24.22 -5.63
CA TYR A 437 -33.33 23.63 -6.44
C TYR A 437 -32.89 23.45 -7.89
N LYS A 438 -31.79 24.11 -8.27
CA LYS A 438 -31.24 23.91 -9.61
C LYS A 438 -30.38 22.65 -9.73
N TYR A 439 -30.11 21.99 -8.60
CA TYR A 439 -29.17 20.87 -8.55
C TYR A 439 -29.81 19.54 -8.89
N LYS A 440 -29.01 18.54 -9.21
CA LYS A 440 -29.55 17.20 -9.38
C LYS A 440 -28.78 16.27 -8.47
N LEU A 441 -29.49 15.44 -7.73
CA LEU A 441 -28.87 14.30 -7.06
C LEU A 441 -28.65 13.17 -8.06
N ARG A 442 -27.39 12.87 -8.36
CA ARG A 442 -27.04 11.74 -9.21
CA ARG A 442 -27.05 11.74 -9.20
C ARG A 442 -26.72 10.55 -8.31
N TYR A 443 -27.38 9.43 -8.52
CA TYR A 443 -27.22 8.29 -7.61
C TYR A 443 -27.02 6.98 -8.37
N ARG A 444 -26.20 6.08 -7.84
CA ARG A 444 -26.01 4.81 -8.50
C ARG A 444 -27.21 3.88 -8.29
N TYR A 445 -27.71 3.84 -7.04
CA TYR A 445 -28.77 2.92 -6.63
C TYR A 445 -29.81 3.64 -5.80
N THR A 446 -31.07 3.25 -5.91
CA THR A 446 -32.05 3.69 -4.92
C THR A 446 -31.79 2.88 -3.65
N LEU A 447 -32.22 3.40 -2.50
CA LEU A 447 -32.14 2.61 -1.26
C LEU A 447 -32.85 1.27 -1.45
N ASP A 448 -33.95 1.28 -2.21
CA ASP A 448 -34.67 0.04 -2.51
C ASP A 448 -33.89 -0.97 -3.36
N ASP A 449 -32.95 -0.51 -4.19
CA ASP A 449 -32.06 -1.43 -4.92
C ASP A 449 -31.06 -2.09 -3.96
N LEU A 450 -30.66 -1.33 -2.94
CA LEU A 450 -29.53 -1.71 -2.12
C LEU A 450 -29.87 -2.81 -1.12
N TYR A 451 -31.08 -2.79 -0.55
CA TYR A 451 -31.41 -3.79 0.47
C TYR A 451 -31.42 -5.23 -0.08
N PRO A 452 -32.00 -5.47 -1.28
CA PRO A 452 -31.88 -6.82 -1.84
C PRO A 452 -30.44 -7.25 -2.13
N MET A 453 -29.57 -6.30 -2.47
CA MET A 453 -28.17 -6.64 -2.71
C MET A 453 -27.54 -7.12 -1.42
N MET A 454 -27.82 -6.40 -0.34
CA MET A 454 -27.27 -6.81 0.94
C MET A 454 -27.86 -8.15 1.38
N ASN A 455 -29.14 -8.36 1.05
CA ASN A 455 -29.82 -9.59 1.40
C ASN A 455 -29.23 -10.82 0.68
N ALA A 456 -28.73 -10.62 -0.53
CA ALA A 456 -28.09 -11.73 -1.24
C ALA A 456 -26.84 -12.16 -0.49
N LEU A 457 -26.10 -11.19 0.03
CA LEU A 457 -24.90 -11.49 0.82
C LEU A 457 -25.28 -12.29 2.07
N LYS A 458 -26.40 -11.91 2.68
CA LYS A 458 -26.87 -12.59 3.89
C LYS A 458 -27.19 -14.07 3.61
N LEU A 459 -27.90 -14.32 2.52
CA LEU A 459 -28.22 -15.68 2.12
C LEU A 459 -26.97 -16.49 1.85
N ARG A 460 -26.01 -15.89 1.15
CA ARG A 460 -24.74 -16.55 0.87
C ARG A 460 -24.03 -16.87 2.18
N ALA A 461 -24.05 -15.92 3.11
CA ALA A 461 -23.35 -16.11 4.37
C ALA A 461 -24.06 -17.12 5.27
N GLU A 462 -25.37 -17.29 5.07
CA GLU A 462 -26.24 -18.11 5.91
C GLU A 462 -26.29 -17.59 7.34
#